data_3DI3
#
_entry.id   3DI3
#
_cell.length_a   55.573
_cell.length_b   68.235
_cell.length_c   112.273
_cell.angle_alpha   90.00
_cell.angle_beta   90.00
_cell.angle_gamma   90.00
#
_symmetry.space_group_name_H-M   'P 21 21 21'
#
loop_
_entity.id
_entity.type
_entity.pdbx_description
1 polymer Interleukin-7
2 polymer 'Interleukin-7 receptor subunit alpha'
3 branched 2-acetamido-2-deoxy-beta-D-glucopyranose-(1-4)-2-acetamido-2-deoxy-beta-D-glucopyranose
4 water water
#
loop_
_entity_poly.entity_id
_entity_poly.type
_entity_poly.pdbx_seq_one_letter_code
_entity_poly.pdbx_strand_id
1 'polypeptide(L)'
;MGDCDIEGKDGKQYESVLMVSIDQLLDSMKEIGSNCLNNEFNFFKRHICDANKEGMFLFRAARKLRQFLKMNSTGDFDLH
LLKVSEGTTILLNCTGQVKGRKPAALGAAQPTKSLEENKSLKEQKKLNDLCFLKRLLQEIKTCWNKILMGTKEH
;
A
2 'polypeptide(L)'
;GSHMESGYAQNGDLEDAELDDYSFSCYSQLEVNGSQHSLTCAFEDPDVNTTNLEFEICGALVEVKCLNFRKLQEIYFIET
KKFLLIGKSNICVKVGEKSLTCKKIDLTTIVKPEAPFDLSVVYREGANDFVVTFNTSHLQKKYVKVLMHDVAYRQEKDEN
KWTHVNLSSTKLTLLQRKLQPAAMYEIKVRSIPDHYFKGFWSEWSPSYYFRTPEINNSSGEMD
;
B
#
loop_
_chem_comp.id
_chem_comp.type
_chem_comp.name
_chem_comp.formula
NAG D-saccharide, beta linking 2-acetamido-2-deoxy-beta-D-glucopyranose 'C8 H15 N O6'
#
# COMPACT_ATOMS: atom_id res chain seq x y z
N LYS A 9 11.50 9.31 -6.88
CA LYS A 9 11.27 7.92 -7.38
C LYS A 9 12.58 7.16 -7.67
N ASP A 10 13.49 7.19 -6.69
CA ASP A 10 14.78 6.51 -6.78
C ASP A 10 15.28 6.24 -5.36
N GLY A 11 14.83 5.13 -4.79
CA GLY A 11 15.21 4.77 -3.44
C GLY A 11 14.00 4.93 -2.52
N LYS A 12 12.99 5.64 -3.02
CA LYS A 12 11.78 5.84 -2.26
C LYS A 12 11.06 4.52 -2.26
N GLN A 13 11.11 3.84 -3.41
CA GLN A 13 10.45 2.56 -3.58
C GLN A 13 10.89 1.50 -2.58
N TYR A 14 12.02 1.75 -1.94
CA TYR A 14 12.56 0.83 -0.96
C TYR A 14 11.87 0.94 0.40
N GLU A 15 12.11 2.05 1.08
CA GLU A 15 11.53 2.28 2.40
C GLU A 15 10.00 2.23 2.39
N SER A 16 9.41 2.82 1.36
CA SER A 16 7.96 2.85 1.24
C SER A 16 7.31 1.49 0.99
N VAL A 17 8.02 0.60 0.32
CA VAL A 17 7.45 -0.70 0.05
C VAL A 17 8.33 -1.84 0.53
N LEU A 18 9.45 -2.02 -0.15
CA LEU A 18 10.37 -3.09 0.15
C LEU A 18 10.77 -3.21 1.62
N MET A 19 11.12 -2.10 2.24
CA MET A 19 11.52 -2.14 3.64
C MET A 19 10.38 -2.58 4.56
N VAL A 20 9.15 -2.50 4.06
CA VAL A 20 7.99 -2.89 4.85
C VAL A 20 8.08 -4.37 5.20
N SER A 21 8.30 -5.19 4.19
CA SER A 21 8.42 -6.64 4.37
C SER A 21 9.62 -7.01 5.23
N ILE A 22 10.74 -6.32 5.02
CA ILE A 22 11.94 -6.57 5.79
C ILE A 22 11.71 -6.37 7.27
N ASP A 23 11.00 -5.31 7.62
CA ASP A 23 10.76 -5.06 9.04
C ASP A 23 9.77 -6.01 9.65
N GLN A 24 8.73 -6.36 8.90
CA GLN A 24 7.74 -7.27 9.42
C GLN A 24 8.37 -8.61 9.70
N LEU A 25 9.37 -8.95 8.90
CA LEU A 25 10.07 -10.19 9.09
C LEU A 25 10.93 -10.09 10.35
N LEU A 26 11.71 -9.02 10.46
CA LEU A 26 12.55 -8.85 11.64
C LEU A 26 11.75 -8.85 12.93
N ASP A 27 10.55 -8.28 12.90
CA ASP A 27 9.71 -8.24 14.09
C ASP A 27 9.31 -9.61 14.57
N SER A 28 8.85 -10.44 13.65
CA SER A 28 8.45 -11.79 14.02
C SER A 28 9.64 -12.51 14.66
N MET A 29 10.84 -11.97 14.45
CA MET A 29 12.06 -12.56 14.99
C MET A 29 12.72 -11.77 16.11
N LYS A 30 11.96 -10.89 16.75
CA LYS A 30 12.50 -10.10 17.86
C LYS A 30 12.86 -11.02 19.03
N GLU A 31 12.19 -12.17 19.10
CA GLU A 31 12.43 -13.14 20.16
C GLU A 31 13.74 -13.92 20.01
N ILE A 32 14.43 -13.73 18.88
CA ILE A 32 15.70 -14.39 18.63
C ILE A 32 16.81 -13.46 19.08
N GLY A 33 17.87 -14.00 19.66
CA GLY A 33 18.95 -13.14 20.12
C GLY A 33 20.24 -13.80 20.57
N SER A 34 20.50 -13.74 21.87
CA SER A 34 21.69 -14.28 22.51
C SER A 34 22.01 -15.74 22.16
N ASN A 35 21.07 -16.62 22.47
CA ASN A 35 21.18 -18.06 22.22
C ASN A 35 22.12 -18.53 21.12
N CYS A 36 22.01 -17.92 19.94
CA CYS A 36 22.85 -18.28 18.79
C CYS A 36 23.70 -17.09 18.34
N LEU A 37 23.30 -15.90 18.77
CA LEU A 37 23.97 -14.64 18.42
C LEU A 37 24.90 -14.73 17.21
N ASN A 38 26.20 -14.55 17.44
CA ASN A 38 27.18 -14.56 16.35
C ASN A 38 27.80 -15.93 16.11
N ASN A 39 27.56 -16.48 14.93
CA ASN A 39 28.10 -17.77 14.55
C ASN A 39 29.10 -17.59 13.42
N GLU A 40 29.20 -16.37 12.89
CA GLU A 40 30.11 -16.06 11.81
C GLU A 40 29.99 -17.08 10.67
N PHE A 41 28.88 -17.04 9.95
CA PHE A 41 28.63 -17.97 8.85
C PHE A 41 29.49 -17.62 7.66
N ASN A 42 29.90 -18.66 6.92
CA ASN A 42 30.75 -18.47 5.74
C ASN A 42 30.29 -17.32 4.85
N PHE A 43 28.99 -17.24 4.60
CA PHE A 43 28.42 -16.22 3.72
C PHE A 43 28.82 -14.77 3.99
N PHE A 44 28.71 -14.33 5.24
CA PHE A 44 29.05 -12.96 5.58
C PHE A 44 30.55 -12.72 5.52
N LYS A 45 31.31 -13.82 5.50
CA LYS A 45 32.75 -13.75 5.41
C LYS A 45 33.09 -13.55 3.94
N ARG A 46 32.61 -14.47 3.10
CA ARG A 46 32.83 -14.43 1.67
C ARG A 46 32.30 -13.13 1.07
N HIS A 47 30.98 -13.04 0.95
CA HIS A 47 30.35 -11.85 0.41
C HIS A 47 30.23 -10.78 1.48
N ILE A 48 30.47 -9.53 1.09
CA ILE A 48 30.43 -8.41 2.02
C ILE A 48 29.88 -7.18 1.32
N CYS A 49 29.28 -6.27 2.08
CA CYS A 49 28.74 -5.05 1.50
C CYS A 49 29.82 -3.97 1.55
N ASP A 50 30.74 -4.03 0.60
CA ASP A 50 31.84 -3.06 0.53
C ASP A 50 31.44 -1.87 -0.34
N ALA A 51 31.82 -0.67 0.10
CA ALA A 51 31.50 0.53 -0.64
C ALA A 51 31.83 0.30 -2.11
N ASN A 52 32.88 -0.49 -2.36
CA ASN A 52 33.30 -0.80 -3.72
C ASN A 52 32.21 -1.61 -4.42
N LYS A 53 31.17 -0.92 -4.89
CA LYS A 53 30.05 -1.57 -5.57
C LYS A 53 29.46 -2.64 -4.64
N GLU A 54 28.43 -2.25 -3.90
CA GLU A 54 27.76 -3.15 -2.95
C GLU A 54 26.47 -3.78 -3.49
N GLY A 55 26.14 -3.46 -4.74
CA GLY A 55 24.95 -4.02 -5.34
C GLY A 55 25.15 -5.50 -5.63
N MET A 56 26.41 -5.90 -5.73
CA MET A 56 26.74 -7.31 -5.98
C MET A 56 26.45 -8.13 -4.72
N PHE A 57 26.32 -7.43 -3.59
CA PHE A 57 26.03 -8.08 -2.31
C PHE A 57 24.56 -8.50 -2.26
N LEU A 58 23.69 -7.55 -2.59
CA LEU A 58 22.25 -7.79 -2.57
C LEU A 58 21.79 -8.71 -3.69
N PHE A 59 22.51 -8.70 -4.82
CA PHE A 59 22.16 -9.56 -5.95
C PHE A 59 22.34 -11.02 -5.54
N ARG A 60 23.26 -11.25 -4.59
CA ARG A 60 23.55 -12.59 -4.07
C ARG A 60 22.63 -12.85 -2.87
N ALA A 61 22.64 -11.90 -1.94
CA ALA A 61 21.83 -11.98 -0.73
C ALA A 61 20.37 -12.21 -1.07
N ALA A 62 19.98 -11.76 -2.27
CA ALA A 62 18.61 -11.92 -2.73
C ALA A 62 18.38 -13.40 -3.02
N ARG A 63 19.22 -13.98 -3.85
CA ARG A 63 19.08 -15.39 -4.20
C ARG A 63 19.15 -16.29 -2.96
N LYS A 64 19.93 -15.87 -1.96
CA LYS A 64 20.08 -16.64 -0.72
C LYS A 64 18.81 -16.70 0.13
N LEU A 65 18.01 -15.65 0.10
CA LEU A 65 16.76 -15.63 0.86
C LEU A 65 15.79 -16.60 0.22
N ARG A 66 16.10 -16.98 -1.01
CA ARG A 66 15.27 -17.88 -1.78
C ARG A 66 15.36 -19.32 -1.27
N GLN A 67 16.26 -19.55 -0.32
CA GLN A 67 16.43 -20.89 0.22
C GLN A 67 15.58 -21.18 1.45
N PHE A 68 14.69 -20.25 1.81
CA PHE A 68 13.83 -20.47 2.97
C PHE A 68 12.40 -20.68 2.51
N LEU A 69 12.24 -20.76 1.20
CA LEU A 69 10.93 -20.96 0.59
C LEU A 69 10.60 -22.43 0.49
N LYS A 70 9.74 -22.87 1.40
CA LYS A 70 9.31 -24.26 1.48
C LYS A 70 8.57 -24.74 0.23
N MET A 71 7.54 -25.56 0.45
CA MET A 71 6.72 -26.10 -0.65
C MET A 71 5.75 -25.02 -1.13
N ASN A 72 6.29 -23.84 -1.42
CA ASN A 72 5.52 -22.68 -1.88
C ASN A 72 4.29 -22.36 -1.03
N SER A 73 4.52 -22.22 0.29
CA SER A 73 3.46 -21.92 1.25
C SER A 73 2.93 -20.50 1.09
N THR A 74 1.71 -20.30 1.58
CA THR A 74 1.05 -19.01 1.47
C THR A 74 1.04 -18.19 2.75
N GLY A 75 2.02 -18.41 3.61
CA GLY A 75 2.08 -17.65 4.85
C GLY A 75 2.55 -16.23 4.59
N ASP A 76 2.29 -15.34 5.54
CA ASP A 76 2.72 -13.96 5.38
C ASP A 76 4.23 -13.92 5.37
N PHE A 77 4.83 -14.84 6.12
CA PHE A 77 6.27 -14.96 6.25
C PHE A 77 6.97 -15.25 4.93
N ASP A 78 6.51 -16.28 4.22
CA ASP A 78 7.10 -16.66 2.95
C ASP A 78 6.93 -15.54 1.94
N LEU A 79 5.73 -15.00 1.93
CA LEU A 79 5.38 -13.91 1.05
C LEU A 79 6.30 -12.71 1.23
N HIS A 80 6.58 -12.32 2.47
CA HIS A 80 7.48 -11.19 2.70
C HIS A 80 8.85 -11.55 2.16
N LEU A 81 9.22 -12.82 2.32
CA LEU A 81 10.51 -13.30 1.82
C LEU A 81 10.59 -13.10 0.31
N LEU A 82 9.51 -13.47 -0.37
CA LEU A 82 9.44 -13.33 -1.80
C LEU A 82 9.59 -11.87 -2.19
N LYS A 83 8.79 -11.05 -1.52
CA LYS A 83 8.79 -9.63 -1.77
C LYS A 83 10.17 -9.03 -1.57
N VAL A 84 10.79 -9.32 -0.45
CA VAL A 84 12.12 -8.78 -0.17
C VAL A 84 13.12 -9.25 -1.23
N SER A 85 13.00 -10.50 -1.66
CA SER A 85 13.89 -11.02 -2.67
C SER A 85 13.58 -10.40 -4.01
N GLU A 86 12.51 -10.90 -4.63
CA GLU A 86 12.09 -10.39 -5.92
C GLU A 86 12.11 -8.89 -5.91
N GLY A 87 11.60 -8.32 -4.84
CA GLY A 87 11.60 -6.88 -4.71
C GLY A 87 13.01 -6.32 -4.82
N THR A 88 13.97 -6.94 -4.14
CA THR A 88 15.36 -6.46 -4.22
C THR A 88 15.97 -6.79 -5.58
N THR A 89 15.55 -7.92 -6.16
CA THR A 89 16.05 -8.33 -7.46
C THR A 89 15.72 -7.24 -8.46
N ILE A 90 14.43 -7.00 -8.64
CA ILE A 90 13.92 -6.01 -9.57
C ILE A 90 14.31 -4.56 -9.25
N LEU A 91 14.41 -4.24 -7.97
CA LEU A 91 14.78 -2.88 -7.57
C LEU A 91 16.23 -2.59 -7.92
N LEU A 92 16.96 -3.63 -8.33
CA LEU A 92 18.37 -3.50 -8.68
C LEU A 92 18.63 -3.03 -10.12
N ASN A 93 17.97 -3.66 -11.08
CA ASN A 93 18.13 -3.26 -12.47
C ASN A 93 17.63 -1.82 -12.63
N CYS A 94 16.38 -1.58 -12.25
CA CYS A 94 15.78 -0.25 -12.36
C CYS A 94 16.68 0.80 -11.70
N THR A 95 17.38 0.39 -10.64
CA THR A 95 18.26 1.29 -9.90
C THR A 95 19.72 1.24 -10.33
N GLY A 96 19.97 0.95 -11.60
CA GLY A 96 21.33 0.89 -12.10
C GLY A 96 21.92 -0.48 -12.33
N GLN A 97 23.01 -0.79 -11.62
CA GLN A 97 23.68 -2.07 -11.72
C GLN A 97 22.71 -3.21 -12.01
N VAL A 98 23.15 -4.19 -12.80
CA VAL A 98 22.33 -5.34 -13.16
C VAL A 98 23.09 -6.31 -14.09
N LYS A 99 22.43 -7.40 -14.47
CA LYS A 99 22.99 -8.41 -15.36
C LYS A 99 21.92 -9.44 -15.73
N GLY A 100 22.32 -10.67 -15.98
CA GLY A 100 21.38 -11.73 -16.33
C GLY A 100 22.06 -13.10 -16.36
N GLN A 124 20.48 -25.09 -6.10
CA GLN A 124 20.59 -24.66 -4.71
C GLN A 124 19.73 -25.53 -3.79
N LYS A 125 20.22 -25.74 -2.57
CA LYS A 125 19.52 -26.56 -1.58
C LYS A 125 18.44 -25.78 -0.80
N LYS A 126 18.47 -25.88 0.52
CA LYS A 126 17.48 -25.20 1.35
C LYS A 126 18.08 -24.80 2.70
N LEU A 127 17.54 -23.73 3.29
CA LEU A 127 18.00 -23.26 4.59
C LEU A 127 16.83 -23.19 5.56
N ASN A 128 17.11 -23.47 6.81
CA ASN A 128 16.08 -23.52 7.85
C ASN A 128 16.45 -22.66 9.07
N ASP A 129 17.73 -22.31 9.17
CA ASP A 129 18.26 -21.50 10.29
C ASP A 129 17.82 -20.04 10.32
N LEU A 130 17.00 -19.70 11.32
CA LEU A 130 16.49 -18.34 11.47
C LEU A 130 17.49 -17.33 12.00
N CYS A 131 18.49 -17.79 12.74
CA CYS A 131 19.51 -16.90 13.27
C CYS A 131 20.17 -16.34 12.02
N PHE A 132 20.36 -17.19 11.04
CA PHE A 132 20.96 -16.76 9.78
C PHE A 132 20.00 -15.78 9.11
N LEU A 133 18.82 -16.27 8.75
CA LEU A 133 17.81 -15.43 8.10
C LEU A 133 17.75 -14.00 8.66
N LYS A 134 17.85 -13.91 9.98
CA LYS A 134 17.81 -12.61 10.63
C LYS A 134 19.01 -11.79 10.17
N ARG A 135 20.21 -12.19 10.57
CA ARG A 135 21.40 -11.46 10.16
C ARG A 135 21.34 -11.11 8.68
N LEU A 136 20.88 -12.06 7.89
CA LEU A 136 20.78 -11.86 6.46
C LEU A 136 19.91 -10.63 6.16
N LEU A 137 18.80 -10.51 6.88
CA LEU A 137 17.92 -9.39 6.67
C LEU A 137 18.51 -8.10 7.23
N GLN A 138 19.22 -8.20 8.34
CA GLN A 138 19.85 -7.02 8.90
C GLN A 138 20.66 -6.40 7.77
N GLU A 139 21.65 -7.16 7.30
CA GLU A 139 22.53 -6.72 6.23
C GLU A 139 21.78 -6.21 5.01
N ILE A 140 20.83 -7.02 4.51
CA ILE A 140 20.04 -6.64 3.35
C ILE A 140 19.45 -5.26 3.59
N LYS A 141 19.13 -5.00 4.86
CA LYS A 141 18.57 -3.72 5.28
C LYS A 141 19.68 -2.67 5.20
N THR A 142 20.80 -2.92 5.86
CA THR A 142 21.91 -1.98 5.85
C THR A 142 22.40 -1.61 4.46
N CYS A 143 22.90 -2.58 3.72
CA CYS A 143 23.43 -2.33 2.40
C CYS A 143 22.52 -1.46 1.54
N TRP A 144 21.23 -1.77 1.54
CA TRP A 144 20.26 -0.99 0.75
C TRP A 144 20.40 0.51 0.94
N ASN A 145 20.18 0.99 2.16
CA ASN A 145 20.29 2.43 2.40
C ASN A 145 21.73 2.91 2.27
N LYS A 146 22.67 1.98 2.35
CA LYS A 146 24.08 2.33 2.19
C LYS A 146 24.29 2.80 0.77
N ILE A 147 23.64 2.11 -0.17
CA ILE A 147 23.75 2.44 -1.58
C ILE A 147 22.85 3.64 -1.90
N LEU A 148 21.80 3.81 -1.11
CA LEU A 148 20.88 4.92 -1.34
C LEU A 148 21.35 6.20 -0.66
N MET A 149 21.91 6.05 0.53
CA MET A 149 22.39 7.21 1.29
C MET A 149 23.89 7.12 1.59
N ASP B 21 -15.10 -0.18 -27.98
CA ASP B 21 -14.14 0.35 -26.96
C ASP B 21 -14.26 -0.39 -25.64
N TYR B 22 -13.11 -0.71 -25.04
CA TYR B 22 -13.08 -1.41 -23.77
C TYR B 22 -12.20 -0.70 -22.77
N SER B 23 -12.58 0.54 -22.48
CA SER B 23 -11.85 1.35 -21.53
C SER B 23 -12.35 0.88 -20.15
N PHE B 24 -11.47 0.93 -19.16
CA PHE B 24 -11.79 0.51 -17.80
C PHE B 24 -10.81 1.11 -16.81
N SER B 25 -11.27 1.34 -15.59
CA SER B 25 -10.44 1.89 -14.53
C SER B 25 -10.37 0.88 -13.39
N CYS B 26 -9.37 1.05 -12.54
CA CYS B 26 -9.17 0.17 -11.38
C CYS B 26 -8.60 0.88 -10.17
N TYR B 27 -9.06 0.49 -8.99
CA TYR B 27 -8.50 1.06 -7.76
C TYR B 27 -8.09 -0.03 -6.78
N SER B 28 -6.96 0.18 -6.14
CA SER B 28 -6.47 -0.78 -5.17
C SER B 28 -6.65 -0.24 -3.75
N GLN B 29 -6.72 -1.16 -2.80
CA GLN B 29 -6.84 -0.82 -1.39
C GLN B 29 -5.82 -1.69 -0.66
N LEU B 30 -4.71 -1.08 -0.27
CA LEU B 30 -3.66 -1.80 0.41
C LEU B 30 -4.01 -2.10 1.85
N GLU B 31 -3.71 -3.32 2.28
CA GLU B 31 -3.99 -3.79 3.63
C GLU B 31 -5.47 -3.55 3.95
N VAL B 32 -6.36 -3.76 2.98
CA VAL B 32 -7.78 -3.53 3.27
C VAL B 32 -8.33 -4.46 4.35
N ASN B 33 -8.15 -5.75 4.20
CA ASN B 33 -8.61 -6.64 5.25
C ASN B 33 -7.37 -7.26 5.88
N GLY B 34 -7.01 -6.75 7.04
CA GLY B 34 -5.83 -7.25 7.70
C GLY B 34 -4.64 -6.78 6.91
N SER B 35 -3.92 -7.72 6.29
CA SER B 35 -2.74 -7.41 5.50
C SER B 35 -2.96 -7.74 4.03
N GLN B 36 -4.19 -8.06 3.66
CA GLN B 36 -4.42 -8.36 2.26
C GLN B 36 -4.97 -7.13 1.53
N HIS B 37 -4.56 -6.97 0.28
CA HIS B 37 -4.98 -5.87 -0.56
C HIS B 37 -6.09 -6.29 -1.51
N SER B 38 -6.77 -5.29 -2.07
CA SER B 38 -7.84 -5.52 -3.00
C SER B 38 -7.57 -4.73 -4.26
N LEU B 39 -8.19 -5.16 -5.35
CA LEU B 39 -8.04 -4.50 -6.62
C LEU B 39 -9.41 -4.59 -7.24
N THR B 40 -10.00 -3.44 -7.54
CA THR B 40 -11.33 -3.41 -8.11
C THR B 40 -11.33 -2.63 -9.42
N CYS B 41 -11.82 -3.28 -10.47
CA CYS B 41 -11.89 -2.67 -11.78
C CYS B 41 -13.32 -2.61 -12.26
N ALA B 42 -13.61 -1.64 -13.12
CA ALA B 42 -14.95 -1.51 -13.67
C ALA B 42 -14.86 -1.10 -15.13
N PHE B 43 -15.95 -1.29 -15.85
CA PHE B 43 -15.98 -0.89 -17.25
C PHE B 43 -16.51 0.53 -17.32
N GLU B 44 -15.86 1.34 -18.15
CA GLU B 44 -16.21 2.74 -18.31
C GLU B 44 -17.65 2.97 -18.79
N ASP B 45 -18.02 2.32 -19.88
CA ASP B 45 -19.36 2.47 -20.43
C ASP B 45 -20.35 1.42 -19.90
N PRO B 46 -21.40 1.86 -19.20
CA PRO B 46 -22.41 0.97 -18.63
C PRO B 46 -23.23 0.22 -19.70
N ASP B 47 -22.85 -1.03 -19.97
CA ASP B 47 -23.55 -1.84 -20.97
C ASP B 47 -23.00 -3.28 -21.04
N VAL B 48 -23.40 -4.00 -22.09
CA VAL B 48 -22.99 -5.40 -22.33
C VAL B 48 -23.59 -6.36 -21.30
N ASN B 49 -24.53 -7.21 -21.73
CA ASN B 49 -25.17 -8.16 -20.84
C ASN B 49 -24.33 -9.42 -20.61
N THR B 50 -24.46 -10.01 -19.43
CA THR B 50 -23.71 -11.22 -19.03
C THR B 50 -22.58 -11.48 -19.99
N THR B 51 -21.60 -10.59 -19.94
CA THR B 51 -20.43 -10.65 -20.79
C THR B 51 -19.55 -11.88 -20.62
N ASN B 52 -18.90 -12.29 -21.70
CA ASN B 52 -17.99 -13.43 -21.69
C ASN B 52 -16.64 -12.90 -21.24
N LEU B 53 -16.63 -11.62 -20.89
CA LEU B 53 -15.41 -10.95 -20.44
C LEU B 53 -15.04 -11.37 -19.03
N GLU B 54 -13.76 -11.21 -18.76
CA GLU B 54 -13.18 -11.54 -17.48
C GLU B 54 -11.87 -10.76 -17.41
N PHE B 55 -11.41 -10.46 -16.20
CA PHE B 55 -10.17 -9.70 -16.03
C PHE B 55 -9.00 -10.50 -15.48
N GLU B 56 -7.80 -10.09 -15.87
CA GLU B 56 -6.61 -10.76 -15.38
C GLU B 56 -5.50 -9.74 -15.16
N ILE B 57 -4.53 -10.14 -14.35
CA ILE B 57 -3.40 -9.27 -14.06
C ILE B 57 -2.15 -10.11 -13.91
N CYS B 58 -1.06 -9.66 -14.52
CA CYS B 58 0.22 -10.38 -14.42
C CYS B 58 1.32 -9.39 -14.11
N GLY B 59 2.44 -9.88 -13.58
CA GLY B 59 3.54 -9.00 -13.25
C GLY B 59 3.35 -8.33 -11.90
N ALA B 60 4.44 -8.00 -11.24
CA ALA B 60 4.39 -7.36 -9.92
C ALA B 60 3.71 -8.30 -8.91
N LEU B 61 3.56 -9.57 -9.30
CA LEU B 61 2.96 -10.58 -8.44
C LEU B 61 4.08 -11.45 -7.92
N VAL B 62 3.80 -12.25 -6.89
CA VAL B 62 4.84 -13.10 -6.33
C VAL B 62 4.71 -14.61 -6.56
N GLU B 63 4.06 -15.31 -5.64
CA GLU B 63 3.92 -16.76 -5.79
C GLU B 63 3.55 -17.10 -7.23
N VAL B 64 2.45 -16.52 -7.69
CA VAL B 64 1.97 -16.75 -9.04
C VAL B 64 2.55 -15.76 -10.05
N LYS B 65 2.23 -15.96 -11.32
CA LYS B 65 2.69 -15.09 -12.39
C LYS B 65 1.52 -14.20 -12.75
N CYS B 66 0.34 -14.80 -12.80
CA CYS B 66 -0.91 -14.09 -13.10
C CYS B 66 -2.00 -14.57 -12.17
N LEU B 67 -3.01 -13.72 -11.95
CA LEU B 67 -4.14 -14.03 -11.09
C LEU B 67 -5.43 -13.74 -11.82
N ASN B 68 -6.48 -14.51 -11.51
CA ASN B 68 -7.78 -14.34 -12.14
C ASN B 68 -8.69 -13.48 -11.27
N PHE B 69 -9.31 -12.47 -11.87
CA PHE B 69 -10.24 -11.63 -11.13
C PHE B 69 -11.52 -12.41 -10.90
N ARG B 70 -12.30 -12.01 -9.90
CA ARG B 70 -13.57 -12.65 -9.63
C ARG B 70 -14.53 -11.69 -10.31
N LYS B 71 -15.82 -12.00 -10.32
CA LYS B 71 -16.79 -11.12 -10.95
C LYS B 71 -18.04 -11.08 -10.09
N LEU B 72 -18.29 -9.94 -9.47
CA LEU B 72 -19.48 -9.81 -8.64
C LEU B 72 -20.40 -8.76 -9.21
N GLN B 73 -21.65 -9.16 -9.43
CA GLN B 73 -22.66 -8.30 -10.00
C GLN B 73 -22.10 -7.61 -11.24
N GLU B 74 -21.87 -6.32 -11.13
CA GLU B 74 -21.37 -5.53 -12.24
C GLU B 74 -19.89 -5.20 -12.16
N ILE B 75 -19.27 -5.46 -11.01
CA ILE B 75 -17.85 -5.16 -10.85
C ILE B 75 -16.94 -6.37 -10.74
N TYR B 76 -15.68 -6.18 -11.13
CA TYR B 76 -14.66 -7.22 -11.09
C TYR B 76 -13.61 -6.81 -10.06
N PHE B 77 -13.00 -7.77 -9.38
CA PHE B 77 -11.98 -7.46 -8.40
C PHE B 77 -11.35 -8.69 -7.74
N ILE B 78 -10.21 -8.48 -7.10
CA ILE B 78 -9.49 -9.55 -6.42
C ILE B 78 -8.98 -9.17 -5.03
N GLU B 79 -8.71 -10.17 -4.21
CA GLU B 79 -8.19 -9.96 -2.85
C GLU B 79 -7.02 -10.89 -2.58
N THR B 80 -5.80 -10.43 -2.80
CA THR B 80 -4.65 -11.25 -2.55
C THR B 80 -3.69 -10.53 -1.60
N LYS B 81 -2.58 -11.18 -1.27
CA LYS B 81 -1.53 -10.58 -0.45
C LYS B 81 -0.34 -10.61 -1.41
N LYS B 82 -0.59 -11.21 -2.56
CA LYS B 82 0.41 -11.41 -3.61
C LYS B 82 0.89 -10.21 -4.42
N PHE B 83 0.41 -9.02 -4.11
CA PHE B 83 0.87 -7.84 -4.84
C PHE B 83 2.25 -7.41 -4.35
N LEU B 84 3.23 -7.42 -5.24
CA LEU B 84 4.58 -7.01 -4.86
C LEU B 84 4.63 -5.51 -4.55
N LEU B 85 3.94 -4.70 -5.37
CA LEU B 85 3.89 -3.24 -5.21
C LEU B 85 5.18 -2.51 -5.61
N ILE B 86 5.94 -3.16 -6.48
CA ILE B 86 7.18 -2.64 -7.04
C ILE B 86 7.01 -2.80 -8.55
N GLY B 87 7.10 -1.69 -9.28
CA GLY B 87 6.96 -1.73 -10.73
C GLY B 87 5.55 -1.98 -11.21
N LYS B 88 5.34 -1.82 -12.52
CA LYS B 88 4.03 -2.01 -13.16
C LYS B 88 3.62 -3.48 -13.32
N SER B 89 2.34 -3.68 -13.62
CA SER B 89 1.79 -5.01 -13.84
C SER B 89 0.71 -4.98 -14.94
N ASN B 90 0.63 -6.04 -15.73
CA ASN B 90 -0.33 -6.12 -16.82
C ASN B 90 -1.72 -6.57 -16.41
N ILE B 91 -2.69 -5.69 -16.63
CA ILE B 91 -4.08 -5.99 -16.33
C ILE B 91 -4.76 -5.96 -17.69
N CYS B 92 -5.28 -7.10 -18.13
CA CYS B 92 -5.93 -7.14 -19.42
C CYS B 92 -7.38 -7.64 -19.35
N VAL B 93 -8.18 -7.16 -20.30
CA VAL B 93 -9.56 -7.57 -20.40
C VAL B 93 -9.48 -8.77 -21.32
N LYS B 94 -10.22 -9.83 -21.02
CA LYS B 94 -10.16 -11.01 -21.86
C LYS B 94 -11.46 -11.76 -21.96
N VAL B 95 -11.59 -12.52 -23.05
CA VAL B 95 -12.77 -13.32 -23.31
C VAL B 95 -12.25 -14.72 -23.65
N GLY B 96 -12.70 -15.72 -22.90
CA GLY B 96 -12.23 -17.08 -23.16
C GLY B 96 -10.73 -17.10 -23.14
N GLU B 97 -10.12 -16.70 -24.24
CA GLU B 97 -8.68 -16.64 -24.35
C GLU B 97 -8.32 -15.34 -25.09
N LYS B 98 -9.19 -14.95 -26.02
CA LYS B 98 -8.98 -13.75 -26.81
C LYS B 98 -8.77 -12.51 -25.95
N SER B 99 -7.53 -12.05 -25.92
CA SER B 99 -7.14 -10.85 -25.19
C SER B 99 -7.56 -9.66 -26.03
N LEU B 100 -8.16 -8.66 -25.40
CA LEU B 100 -8.60 -7.46 -26.10
C LEU B 100 -7.66 -6.30 -25.77
N THR B 101 -8.04 -5.53 -24.76
CA THR B 101 -7.26 -4.37 -24.32
C THR B 101 -6.54 -4.66 -23.01
N CYS B 102 -5.30 -4.20 -22.90
CA CYS B 102 -4.52 -4.39 -21.69
C CYS B 102 -4.28 -3.05 -21.03
N LYS B 103 -3.28 -2.97 -20.17
CA LYS B 103 -2.99 -1.72 -19.46
C LYS B 103 -1.96 -1.96 -18.36
N LYS B 104 -0.80 -1.33 -18.49
CA LYS B 104 0.26 -1.46 -17.49
C LYS B 104 0.04 -0.42 -16.40
N ILE B 105 -0.23 -0.90 -15.20
CA ILE B 105 -0.50 -0.01 -14.07
C ILE B 105 0.40 -0.31 -12.89
N ASP B 106 0.65 0.69 -12.06
CA ASP B 106 1.44 0.50 -10.85
C ASP B 106 0.44 0.68 -9.71
N LEU B 107 0.01 -0.44 -9.14
CA LEU B 107 -0.97 -0.43 -8.07
C LEU B 107 -0.80 0.62 -6.96
N THR B 108 0.42 1.09 -6.72
CA THR B 108 0.66 2.07 -5.67
C THR B 108 0.28 3.48 -6.12
N THR B 109 -0.28 3.58 -7.31
CA THR B 109 -0.65 4.89 -7.81
C THR B 109 -2.15 4.98 -7.94
N ILE B 110 -2.81 3.85 -7.83
CA ILE B 110 -4.26 3.84 -7.90
C ILE B 110 -4.93 3.45 -6.58
N VAL B 111 -4.34 3.91 -5.47
CA VAL B 111 -4.85 3.61 -4.14
C VAL B 111 -6.02 4.47 -3.68
N LYS B 112 -7.14 3.84 -3.36
CA LYS B 112 -8.31 4.53 -2.85
C LYS B 112 -8.36 4.21 -1.35
N PRO B 113 -8.12 5.20 -0.48
CA PRO B 113 -8.16 4.91 0.95
C PRO B 113 -9.55 4.56 1.47
N GLU B 114 -9.59 4.10 2.71
CA GLU B 114 -10.83 3.77 3.37
C GLU B 114 -11.33 5.08 3.95
N ALA B 115 -12.64 5.27 3.97
CA ALA B 115 -13.19 6.51 4.48
C ALA B 115 -12.90 6.71 5.99
N PRO B 116 -12.91 7.98 6.44
CA PRO B 116 -12.68 8.29 7.85
C PRO B 116 -13.96 7.97 8.63
N PHE B 117 -13.84 7.86 9.96
CA PHE B 117 -14.99 7.57 10.82
C PHE B 117 -14.89 8.34 12.13
N ASP B 118 -15.87 8.12 13.02
CA ASP B 118 -15.89 8.79 14.31
C ASP B 118 -15.75 10.30 14.12
N LEU B 119 -16.40 10.83 13.09
CA LEU B 119 -16.33 12.26 12.85
C LEU B 119 -17.14 12.87 13.98
N SER B 120 -16.79 14.08 14.38
CA SER B 120 -17.51 14.72 15.45
C SER B 120 -17.03 16.14 15.67
N VAL B 121 -17.98 17.01 15.99
CA VAL B 121 -17.69 18.40 16.25
C VAL B 121 -18.03 18.70 17.69
N VAL B 122 -17.16 19.45 18.34
CA VAL B 122 -17.39 19.81 19.73
C VAL B 122 -17.30 21.32 19.79
N TYR B 123 -18.20 21.91 20.55
CA TYR B 123 -18.22 23.35 20.70
C TYR B 123 -17.68 23.72 22.08
N ARG B 124 -16.76 24.68 22.11
CA ARG B 124 -16.21 25.13 23.37
C ARG B 124 -16.70 26.55 23.59
N GLU B 125 -17.59 26.73 24.57
CA GLU B 125 -18.13 28.04 24.91
C GLU B 125 -17.01 28.91 25.45
N GLY B 126 -15.91 28.25 25.85
CA GLY B 126 -14.77 28.96 26.38
C GLY B 126 -14.04 29.75 25.30
N ALA B 127 -13.56 29.04 24.27
CA ALA B 127 -12.82 29.66 23.18
C ALA B 127 -13.61 30.08 21.94
N ASN B 128 -14.93 29.83 21.93
CA ASN B 128 -15.81 30.19 20.82
C ASN B 128 -15.40 29.67 19.44
N ASP B 129 -15.26 28.34 19.35
CA ASP B 129 -14.89 27.66 18.11
C ASP B 129 -15.53 26.28 18.07
N PHE B 130 -15.31 25.57 16.97
CA PHE B 130 -15.83 24.23 16.78
C PHE B 130 -14.68 23.30 16.43
N VAL B 131 -14.46 22.31 17.28
CA VAL B 131 -13.38 21.36 17.07
C VAL B 131 -13.81 20.10 16.33
N VAL B 132 -13.33 19.98 15.10
CA VAL B 132 -13.66 18.83 14.28
C VAL B 132 -12.61 17.73 14.41
N THR B 133 -13.05 16.55 14.82
CA THR B 133 -12.12 15.43 14.97
C THR B 133 -12.72 14.19 14.31
N PHE B 134 -11.85 13.33 13.81
CA PHE B 134 -12.29 12.08 13.16
C PHE B 134 -11.14 11.09 13.20
N ASN B 135 -11.40 9.85 12.80
CA ASN B 135 -10.36 8.84 12.80
C ASN B 135 -10.20 8.17 11.43
N THR B 136 -9.05 7.55 11.22
CA THR B 136 -8.76 6.83 9.98
C THR B 136 -8.01 5.56 10.36
N SER B 137 -8.34 4.45 9.73
CA SER B 137 -7.67 3.20 10.06
C SER B 137 -6.29 3.15 9.40
N HIS B 138 -6.00 4.17 8.60
CA HIS B 138 -4.73 4.22 7.90
C HIS B 138 -3.56 4.57 8.79
N LEU B 139 -3.85 5.13 9.95
CA LEU B 139 -2.79 5.49 10.88
C LEU B 139 -2.07 4.28 11.44
N GLN B 140 -2.79 3.20 11.67
CA GLN B 140 -2.17 1.99 12.20
C GLN B 140 -1.68 1.05 11.09
N LYS B 141 -1.58 1.54 9.86
CA LYS B 141 -1.12 0.69 8.74
C LYS B 141 0.38 0.78 8.47
N LYS B 142 0.86 -0.06 7.56
CA LYS B 142 2.27 -0.12 7.19
C LYS B 142 2.63 0.51 5.84
N TYR B 143 1.68 0.56 4.93
CA TYR B 143 1.94 1.14 3.62
C TYR B 143 1.43 2.56 3.48
N VAL B 144 0.14 2.67 3.19
CA VAL B 144 -0.52 3.93 3.01
C VAL B 144 -0.85 4.60 4.34
N LYS B 145 0.17 5.08 5.03
CA LYS B 145 0.00 5.72 6.33
C LYS B 145 -0.34 7.19 6.20
N VAL B 146 0.48 7.91 5.47
CA VAL B 146 0.30 9.34 5.27
C VAL B 146 -0.86 9.64 4.36
N LEU B 147 -1.81 10.42 4.85
CA LEU B 147 -2.96 10.79 4.04
C LEU B 147 -3.13 12.29 4.05
N MET B 148 -4.02 12.75 3.18
CA MET B 148 -4.33 14.15 3.07
C MET B 148 -5.86 14.15 3.13
N HIS B 149 -6.38 14.64 4.23
CA HIS B 149 -7.80 14.68 4.48
C HIS B 149 -8.49 15.94 3.90
N ASP B 150 -9.79 15.81 3.63
CA ASP B 150 -10.58 16.92 3.09
C ASP B 150 -11.92 17.11 3.77
N VAL B 151 -11.98 18.04 4.70
CA VAL B 151 -13.21 18.33 5.40
C VAL B 151 -14.10 19.27 4.58
N ALA B 152 -15.34 18.86 4.38
CA ALA B 152 -16.30 19.65 3.63
C ALA B 152 -17.55 19.91 4.45
N TYR B 153 -18.10 21.10 4.32
CA TYR B 153 -19.33 21.44 5.04
C TYR B 153 -20.19 22.48 4.34
N ARG B 154 -21.50 22.20 4.30
CA ARG B 154 -22.46 23.09 3.68
C ARG B 154 -23.52 23.47 4.71
N GLN B 155 -24.32 24.49 4.38
CA GLN B 155 -25.36 25.00 5.25
C GLN B 155 -26.73 24.54 4.79
N GLU B 156 -27.69 24.50 5.72
CA GLU B 156 -29.06 24.08 5.41
C GLU B 156 -29.63 24.95 4.30
N LYS B 157 -29.42 26.26 4.42
CA LYS B 157 -29.89 27.23 3.43
C LYS B 157 -29.39 26.84 2.03
N ASP B 158 -28.08 26.66 1.91
CA ASP B 158 -27.47 26.27 0.64
C ASP B 158 -27.69 24.77 0.40
N GLU B 159 -27.41 24.30 -0.80
CA GLU B 159 -27.60 22.89 -1.12
C GLU B 159 -26.38 22.18 -1.66
N ASN B 160 -25.88 22.63 -2.81
CA ASN B 160 -24.71 21.99 -3.40
C ASN B 160 -23.46 22.87 -3.25
N LYS B 161 -23.52 23.83 -2.32
CA LYS B 161 -22.40 24.72 -2.06
C LYS B 161 -21.65 24.29 -0.78
N TRP B 162 -20.54 23.57 -0.97
CA TRP B 162 -19.70 23.10 0.13
C TRP B 162 -18.41 23.88 0.16
N THR B 163 -17.76 23.89 1.32
CA THR B 163 -16.47 24.56 1.42
C THR B 163 -15.52 23.57 2.08
N HIS B 164 -14.46 23.23 1.35
CA HIS B 164 -13.45 22.26 1.77
C HIS B 164 -12.27 22.85 2.50
N VAL B 165 -11.67 22.03 3.38
CA VAL B 165 -10.50 22.40 4.16
C VAL B 165 -9.54 21.22 4.07
N ASN B 166 -8.40 21.40 3.42
CA ASN B 166 -7.42 20.32 3.29
C ASN B 166 -6.47 20.21 4.46
N LEU B 167 -6.79 19.29 5.37
CA LEU B 167 -5.98 19.06 6.56
C LEU B 167 -4.91 17.97 6.32
N SER B 168 -4.14 17.64 7.36
CA SER B 168 -3.11 16.60 7.27
C SER B 168 -3.08 15.82 8.57
N SER B 169 -3.97 16.18 9.49
CA SER B 169 -4.09 15.49 10.76
C SER B 169 -5.56 15.18 10.95
N THR B 170 -5.88 14.51 12.06
CA THR B 170 -7.26 14.13 12.36
C THR B 170 -8.01 15.09 13.27
N LYS B 171 -7.55 16.34 13.30
CA LYS B 171 -8.18 17.34 14.13
C LYS B 171 -8.15 18.70 13.47
N LEU B 172 -9.32 19.31 13.37
CA LEU B 172 -9.47 20.61 12.77
C LEU B 172 -10.29 21.48 13.68
N THR B 173 -10.19 22.78 13.46
CA THR B 173 -10.91 23.72 14.28
C THR B 173 -11.48 24.82 13.40
N LEU B 174 -12.71 25.20 13.71
CA LEU B 174 -13.37 26.27 12.99
C LEU B 174 -13.90 27.25 14.03
N LEU B 175 -13.50 28.51 13.88
CA LEU B 175 -13.89 29.58 14.80
C LEU B 175 -15.34 30.05 14.62
N GLN B 176 -16.06 30.18 15.73
CA GLN B 176 -17.45 30.63 15.73
C GLN B 176 -17.75 31.63 14.61
N ARG B 177 -17.15 32.81 14.70
CA ARG B 177 -17.34 33.87 13.72
C ARG B 177 -16.80 33.58 12.31
N LYS B 178 -16.88 32.32 11.87
CA LYS B 178 -16.38 32.00 10.53
C LYS B 178 -17.51 31.48 9.65
N LEU B 179 -18.64 31.21 10.30
CA LEU B 179 -19.83 30.69 9.63
C LEU B 179 -21.10 31.09 10.38
N GLN B 180 -22.16 31.34 9.62
CA GLN B 180 -23.46 31.73 10.15
C GLN B 180 -23.84 31.31 11.57
N PRO B 181 -24.63 32.13 12.27
CA PRO B 181 -25.07 31.82 13.63
C PRO B 181 -26.47 31.25 13.51
N ALA B 182 -26.89 30.47 14.50
CA ALA B 182 -28.22 29.85 14.47
C ALA B 182 -28.36 28.96 13.23
N ALA B 183 -27.28 28.85 12.47
CA ALA B 183 -27.28 28.03 11.27
C ALA B 183 -26.96 26.58 11.65
N MET B 184 -27.56 25.65 10.92
CA MET B 184 -27.37 24.22 11.13
C MET B 184 -26.42 23.74 10.04
N TYR B 185 -25.32 23.09 10.42
CA TYR B 185 -24.35 22.65 9.43
C TYR B 185 -24.13 21.16 9.26
N GLU B 186 -23.85 20.77 8.03
CA GLU B 186 -23.59 19.38 7.69
C GLU B 186 -22.11 19.27 7.41
N ILE B 187 -21.45 18.33 8.06
CA ILE B 187 -20.03 18.20 7.81
C ILE B 187 -19.59 16.77 7.53
N LYS B 188 -18.61 16.64 6.65
CA LYS B 188 -18.10 15.33 6.27
C LYS B 188 -16.63 15.38 5.86
N VAL B 189 -15.99 14.20 5.83
CA VAL B 189 -14.57 14.11 5.49
C VAL B 189 -14.30 12.95 4.54
N ARG B 190 -13.21 13.08 3.79
CA ARG B 190 -12.73 12.03 2.88
C ARG B 190 -11.20 12.10 2.87
N SER B 191 -10.54 11.05 2.41
CA SER B 191 -9.07 11.00 2.41
C SER B 191 -8.44 10.59 1.09
N ILE B 192 -7.15 10.89 0.95
CA ILE B 192 -6.43 10.56 -0.26
C ILE B 192 -4.95 10.27 0.00
N PRO B 193 -4.36 9.35 -0.77
CA PRO B 193 -2.95 9.04 -0.54
C PRO B 193 -2.09 10.29 -0.77
N ASP B 194 -1.39 10.72 0.27
CA ASP B 194 -0.56 11.89 0.14
C ASP B 194 0.90 11.69 0.43
N HIS B 195 1.58 10.87 -0.36
CA HIS B 195 3.01 10.71 -0.17
C HIS B 195 3.69 9.93 -1.26
N TYR B 196 4.04 8.67 -0.97
CA TYR B 196 4.70 7.86 -1.97
C TYR B 196 3.64 7.23 -2.85
N PHE B 197 2.59 6.74 -2.23
CA PHE B 197 1.52 6.11 -2.99
C PHE B 197 0.62 7.20 -3.51
N LYS B 198 -0.01 6.95 -4.65
CA LYS B 198 -0.91 7.91 -5.29
C LYS B 198 -2.22 7.20 -5.46
N GLY B 199 -3.27 7.98 -5.74
CA GLY B 199 -4.57 7.37 -5.91
C GLY B 199 -5.75 8.32 -5.94
N PHE B 200 -6.93 7.75 -5.71
CA PHE B 200 -8.19 8.50 -5.73
C PHE B 200 -8.68 8.83 -4.32
N TRP B 201 -9.79 9.56 -4.24
CA TRP B 201 -10.36 9.92 -2.95
C TRP B 201 -11.11 8.76 -2.35
N SER B 202 -11.19 8.76 -1.02
CA SER B 202 -11.89 7.76 -0.26
C SER B 202 -13.38 8.14 -0.35
N GLU B 203 -14.27 7.23 -0.01
CA GLU B 203 -15.69 7.57 -0.02
C GLU B 203 -15.83 8.61 1.09
N TRP B 204 -16.99 9.23 1.21
CA TRP B 204 -17.15 10.21 2.28
C TRP B 204 -17.53 9.50 3.56
N SER B 205 -17.08 10.04 4.66
CA SER B 205 -17.41 9.50 5.96
C SER B 205 -18.85 9.92 6.20
N PRO B 206 -19.62 9.15 6.97
CA PRO B 206 -20.98 9.61 7.16
C PRO B 206 -21.00 11.06 7.69
N SER B 207 -22.08 11.78 7.44
CA SER B 207 -22.16 13.17 7.87
C SER B 207 -22.52 13.40 9.34
N TYR B 208 -22.13 14.56 9.83
CA TYR B 208 -22.42 14.95 11.21
C TYR B 208 -23.15 16.27 11.08
N TYR B 209 -24.20 16.43 11.88
CA TYR B 209 -24.97 17.65 11.82
C TYR B 209 -24.95 18.33 13.18
N PHE B 210 -24.63 19.61 13.17
CA PHE B 210 -24.58 20.37 14.40
C PHE B 210 -25.14 21.74 14.09
N ARG B 211 -25.64 22.43 15.12
CA ARG B 211 -26.20 23.76 14.95
C ARG B 211 -25.30 24.81 15.58
N THR B 212 -25.24 25.97 14.95
CA THR B 212 -24.42 27.09 15.43
C THR B 212 -25.22 27.99 16.34
N PRO B 213 -24.58 28.49 17.42
CA PRO B 213 -25.19 29.40 18.40
C PRO B 213 -25.62 30.75 17.80
C1 NAG C . -8.74 5.51 16.06
C2 NAG C . -8.71 5.40 17.59
C3 NAG C . -8.04 4.11 18.03
C4 NAG C . -8.68 2.90 17.32
C5 NAG C . -8.69 3.13 15.81
C6 NAG C . -9.34 2.02 15.02
C7 NAG C . -8.71 7.64 18.47
C8 NAG C . -7.92 8.93 18.59
N2 NAG C . -8.03 6.53 18.17
O3 NAG C . -8.13 3.97 19.43
O4 NAG C . -7.92 1.71 17.62
O5 NAG C . -9.38 4.35 15.49
O6 NAG C . -10.72 1.89 15.34
O7 NAG C . -9.93 7.64 18.61
C1 NAG C . -8.01 1.17 18.90
C2 NAG C . -9.24 0.25 19.00
C3 NAG C . -9.23 -0.51 20.35
C4 NAG C . -7.87 -1.16 20.62
C5 NAG C . -6.75 -0.15 20.46
C6 NAG C . -5.38 -0.79 20.61
C7 NAG C . -11.62 0.48 18.54
C8 NAG C . -12.00 0.47 17.07
N2 NAG C . -10.45 1.05 18.87
O3 NAG C . -10.25 -1.51 20.34
O4 NAG C . -7.85 -1.69 21.94
O5 NAG C . -6.80 0.43 19.13
O6 NAG C . -4.36 0.20 20.67
O7 NAG C . -12.38 -0.01 19.37
C1 NAG D . -25.08 -10.19 -24.02
C2 NAG D . -25.97 -10.63 -25.21
C3 NAG D . -25.47 -11.97 -25.77
C4 NAG D . -23.97 -11.94 -26.08
C5 NAG D . -23.20 -11.44 -24.84
C6 NAG D . -21.71 -11.26 -25.12
C7 NAG D . -28.30 -11.15 -25.60
C8 NAG D . -28.73 -12.61 -25.53
N2 NAG D . -27.35 -10.76 -24.76
O3 NAG D . -26.18 -12.29 -26.97
O4 NAG D . -23.52 -13.26 -26.42
O5 NAG D . -23.71 -10.15 -24.43
O6 NAG D . -20.93 -12.01 -24.21
O7 NAG D . -28.83 -10.39 -26.41
C1 NAG D . -23.09 -13.48 -27.72
C2 NAG D . -22.91 -15.00 -27.99
C3 NAG D . -21.66 -15.27 -28.86
C4 NAG D . -20.38 -14.67 -28.25
C5 NAG D . -20.70 -13.43 -27.40
C6 NAG D . -19.55 -12.43 -27.40
C7 NAG D . -23.24 -17.00 -26.65
C8 NAG D . -24.72 -17.22 -26.34
N2 NAG D . -22.82 -15.74 -26.73
O3 NAG D . -21.86 -14.75 -30.17
O4 NAG D . -19.72 -15.64 -27.46
O5 NAG D . -21.86 -12.75 -27.92
O6 NAG D . -18.84 -12.45 -28.63
O7 NAG D . -22.50 -17.97 -26.79
C1 NAG E . -11.53 -10.35 6.54
C2 NAG E . -13.00 -10.80 6.36
C3 NAG E . -13.32 -11.95 7.33
C4 NAG E . -12.30 -13.09 7.11
C5 NAG E . -10.88 -12.55 7.34
C6 NAG E . -9.80 -13.60 7.14
C7 NAG E . -14.51 -9.50 7.73
C8 NAG E . -13.68 -8.94 8.89
N2 NAG E . -13.89 -9.67 6.56
O3 NAG E . -14.64 -12.42 7.12
O4 NAG E . -12.58 -14.23 7.95
O5 NAG E . -10.62 -11.46 6.41
O6 NAG E . -8.85 -13.60 8.21
O7 NAG E . -15.70 -9.76 7.90
C1 NAG E . -12.76 -14.05 9.33
C2 NAG E . -12.10 -15.20 10.10
C3 NAG E . -12.73 -16.53 9.68
C4 NAG E . -14.25 -16.47 9.93
C5 NAG E . -14.84 -15.26 9.17
C6 NAG E . -16.32 -15.08 9.40
C7 NAG E . -9.88 -15.94 10.67
C8 NAG E . -9.23 -17.18 10.09
O3 NAG E . -12.16 -17.60 10.41
O4 NAG E . -14.86 -17.68 9.49
O5 NAG E . -14.18 -14.04 9.58
O6 NAG E . -16.93 -14.46 8.29
O7 NAG E . -9.68 -15.63 11.85
#